data_7RJM
#
_entry.id   7RJM
#
_cell.length_a   59.009
_cell.length_b   59.009
_cell.length_c   133.966
_cell.angle_alpha   90.000
_cell.angle_beta   90.000
_cell.angle_gamma   120.000
#
_symmetry.space_group_name_H-M   'P 32 2 1'
#
loop_
_entity.id
_entity.type
_entity.pdbx_description
1 polymer 'Bromodomain-containing protein 3'
2 polymer 'Interleukin enhancer-binding factor 3'
3 non-polymer 1,2-ETHANEDIOL
4 water water
#
loop_
_entity_poly.entity_id
_entity_poly.type
_entity_poly.pdbx_seq_one_letter_code
_entity_poly.pdbx_strand_id
1 'polypeptide(L)'
;SMPEVSNPSKPGRKTNQLQYMQNVVVKTLWKHQFAWPFYQPVDAIKLNLPDYHKIIKNPMDMGTIKKRLENNYYWSASEC
MQDFNTMFTNCYIYNKPTDDIVLMAQALEKIFLQKVAQMPQEE
;
A,B
2 'polypeptide(L)' A(ALY)GLLL(ALY)G C
#
loop_
_chem_comp.id
_chem_comp.type
_chem_comp.name
_chem_comp.formula
EDO non-polymer 1,2-ETHANEDIOL 'C2 H6 O2'
#
# COMPACT_ATOMS: atom_id res chain seq x y z
N LYS A 14 6.59 23.02 11.49
CA LYS A 14 6.09 21.71 11.90
C LYS A 14 4.61 21.76 12.28
N THR A 15 3.76 21.55 11.28
CA THR A 15 2.31 21.49 11.48
C THR A 15 1.94 20.40 12.48
N ASN A 16 0.71 20.44 12.98
CA ASN A 16 0.34 19.42 13.96
C ASN A 16 0.12 18.06 13.29
N GLN A 17 -0.25 18.05 12.01
CA GLN A 17 -0.22 16.78 11.27
C GLN A 17 1.18 16.18 11.24
N LEU A 18 2.19 17.03 11.04
CA LEU A 18 3.55 16.53 10.98
C LEU A 18 4.02 16.04 12.35
N GLN A 19 3.63 16.74 13.42
CA GLN A 19 4.03 16.24 14.73
C GLN A 19 3.30 14.95 15.05
N TYR A 20 2.10 14.77 14.50
CA TYR A 20 1.40 13.49 14.62
C TYR A 20 2.16 12.38 13.88
N MET A 21 2.65 12.67 12.67
CA MET A 21 3.45 11.66 11.96
C MET A 21 4.63 11.21 12.79
N GLN A 22 5.28 12.16 13.47
CA GLN A 22 6.49 11.87 14.24
C GLN A 22 6.15 11.16 15.54
N ASN A 23 5.26 11.75 16.35
CA ASN A 23 4.97 11.27 17.69
C ASN A 23 4.05 10.06 17.71
N VAL A 24 3.24 9.85 16.69
CA VAL A 24 2.26 8.76 16.69
C VAL A 24 2.58 7.72 15.62
N VAL A 25 2.62 8.13 14.35
CA VAL A 25 2.78 7.13 13.29
C VAL A 25 4.15 6.47 13.36
N VAL A 26 5.23 7.28 13.39
CA VAL A 26 6.58 6.71 13.40
C VAL A 26 6.81 5.90 14.67
N LYS A 27 6.33 6.39 15.81
CA LYS A 27 6.59 5.70 17.06
C LYS A 27 5.88 4.36 17.10
N THR A 28 4.60 4.33 16.67
CA THR A 28 3.82 3.10 16.64
C THR A 28 4.43 2.08 15.69
N LEU A 29 4.86 2.52 14.50
CA LEU A 29 5.47 1.58 13.57
C LEU A 29 6.82 1.09 14.09
N TRP A 30 7.61 1.98 14.71
CA TRP A 30 8.96 1.62 15.09
C TRP A 30 8.97 0.47 16.09
N LYS A 31 8.04 0.47 17.04
CA LYS A 31 7.97 -0.55 18.08
C LYS A 31 7.52 -1.90 17.53
N HIS A 32 7.08 -1.97 16.28
CA HIS A 32 6.53 -3.22 15.75
C HIS A 32 7.65 -4.22 15.56
N GLN A 33 7.38 -5.49 15.89
CA GLN A 33 8.41 -6.53 15.83
C GLN A 33 8.94 -6.72 14.41
N PHE A 34 8.14 -6.40 13.39
CA PHE A 34 8.52 -6.56 11.99
C PHE A 34 9.13 -5.29 11.37
N ALA A 35 9.35 -4.25 12.15
CA ALA A 35 9.72 -2.96 11.58
C ALA A 35 11.21 -2.84 11.27
N TRP A 36 12.06 -3.65 11.90
CA TRP A 36 13.49 -3.36 11.87
C TRP A 36 14.13 -3.40 10.47
N PRO A 37 13.68 -4.19 9.48
CA PRO A 37 14.31 -4.09 8.15
C PRO A 37 14.07 -2.76 7.48
N PHE A 38 13.21 -1.91 8.05
CA PHE A 38 12.90 -0.61 7.49
C PHE A 38 13.47 0.52 8.33
N TYR A 39 14.36 0.20 9.28
CA TYR A 39 14.92 1.24 10.12
C TYR A 39 15.97 2.09 9.40
N GLN A 40 16.60 1.55 8.38
CA GLN A 40 17.75 2.16 7.75
C GLN A 40 17.65 1.91 6.24
N PRO A 41 18.30 2.75 5.42
CA PRO A 41 18.35 2.48 3.97
C PRO A 41 18.78 1.05 3.69
N VAL A 42 18.09 0.41 2.73
CA VAL A 42 18.55 -0.86 2.17
C VAL A 42 20.00 -0.70 1.73
N ASP A 43 20.88 -1.54 2.23
CA ASP A 43 22.30 -1.45 1.89
C ASP A 43 22.61 -2.52 0.84
N ALA A 44 22.62 -2.11 -0.43
CA ALA A 44 22.68 -3.07 -1.54
C ALA A 44 23.99 -3.83 -1.59
N ILE A 45 25.07 -3.30 -1.01
CA ILE A 45 26.32 -4.04 -0.95
C ILE A 45 26.28 -5.11 0.12
N LYS A 46 25.94 -4.72 1.35
CA LYS A 46 25.96 -5.67 2.46
C LYS A 46 24.96 -6.80 2.22
N LEU A 47 23.83 -6.51 1.59
CA LEU A 47 22.81 -7.53 1.34
C LEU A 47 22.92 -8.13 -0.06
N ASN A 48 23.99 -7.81 -0.80
CA ASN A 48 24.28 -8.47 -2.07
CA ASN A 48 24.29 -8.44 -2.09
C ASN A 48 23.10 -8.39 -3.03
N LEU A 49 22.56 -7.18 -3.19
CA LEU A 49 21.47 -6.88 -4.13
C LEU A 49 21.97 -5.86 -5.16
N PRO A 50 22.97 -6.23 -5.98
CA PRO A 50 23.69 -5.22 -6.78
C PRO A 50 22.84 -4.56 -7.86
N ASP A 51 21.60 -4.99 -8.04
CA ASP A 51 20.64 -4.40 -8.95
C ASP A 51 19.69 -3.41 -8.26
N TYR A 52 19.76 -3.30 -6.93
CA TYR A 52 18.69 -2.64 -6.20
C TYR A 52 18.53 -1.19 -6.63
N HIS A 53 19.64 -0.47 -6.79
CA HIS A 53 19.55 0.95 -7.04
C HIS A 53 19.20 1.25 -8.49
N LYS A 54 19.23 0.24 -9.34
CA LYS A 54 18.83 0.44 -10.72
C LYS A 54 17.32 0.22 -10.88
N ILE A 55 16.75 -0.64 -10.04
CA ILE A 55 15.31 -0.85 -10.02
C ILE A 55 14.63 0.22 -9.15
N ILE A 56 15.18 0.48 -7.96
CA ILE A 56 14.60 1.40 -7.00
C ILE A 56 15.37 2.71 -7.14
N LYS A 57 14.76 3.67 -7.82
CA LYS A 57 15.38 4.97 -8.08
C LYS A 57 15.19 5.97 -6.96
N ASN A 58 14.18 5.79 -6.11
CA ASN A 58 13.94 6.70 -5.00
C ASN A 58 13.84 5.90 -3.71
N PRO A 59 14.98 5.43 -3.21
CA PRO A 59 14.99 4.66 -1.97
C PRO A 59 14.44 5.49 -0.82
N MET A 60 13.81 4.82 0.13
CA MET A 60 13.26 5.49 1.30
C MET A 60 13.17 4.47 2.42
N ASP A 61 13.30 4.95 3.66
CA ASP A 61 13.20 4.09 4.83
C ASP A 61 12.69 4.90 6.01
N MET A 62 12.24 4.19 7.05
CA MET A 62 11.63 4.86 8.21
C MET A 62 12.64 5.68 8.98
N GLY A 63 13.90 5.25 9.01
CA GLY A 63 14.95 6.03 9.65
C GLY A 63 15.14 7.39 8.99
N THR A 64 15.18 7.41 7.65
CA THR A 64 15.27 8.68 6.93
C THR A 64 14.01 9.54 7.15
N ILE A 65 12.84 8.93 7.10
CA ILE A 65 11.60 9.67 7.38
C ILE A 65 11.67 10.27 8.79
N LYS A 66 12.08 9.46 9.77
CA LYS A 66 12.17 9.93 11.14
C LYS A 66 13.13 11.11 11.26
N LYS A 67 14.31 11.00 10.65
CA LYS A 67 15.27 12.11 10.65
C LYS A 67 14.67 13.36 10.01
N ARG A 68 13.95 13.20 8.91
CA ARG A 68 13.37 14.36 8.24
C ARG A 68 12.31 15.02 9.11
N LEU A 69 11.53 14.23 9.84
CA LEU A 69 10.56 14.80 10.78
C LEU A 69 11.28 15.55 11.89
N GLU A 70 12.31 14.92 12.48
CA GLU A 70 13.00 15.50 13.63
C GLU A 70 13.75 16.79 13.29
N ASN A 71 14.11 16.98 12.01
CA ASN A 71 14.84 18.16 11.58
C ASN A 71 14.00 19.11 10.73
N ASN A 72 12.67 18.96 10.76
CA ASN A 72 11.75 19.86 10.07
C ASN A 72 12.05 19.98 8.58
N TYR A 73 12.30 18.83 7.95
CA TYR A 73 12.54 18.82 6.51
C TYR A 73 11.23 18.95 5.73
N TYR A 74 10.14 18.41 6.25
CA TYR A 74 8.92 18.35 5.47
C TYR A 74 8.20 19.68 5.51
N TRP A 75 7.66 20.06 4.36
CA TRP A 75 6.78 21.20 4.22
C TRP A 75 5.34 20.85 4.53
N SER A 76 4.96 19.58 4.38
CA SER A 76 3.59 19.21 4.71
C SER A 76 3.54 17.73 5.01
N ALA A 77 2.50 17.34 5.76
CA ALA A 77 2.34 15.95 6.13
C ALA A 77 2.15 15.08 4.91
N SER A 78 1.60 15.62 3.83
CA SER A 78 1.45 14.83 2.62
C SER A 78 2.79 14.43 2.01
N GLU A 79 3.83 15.26 2.19
CA GLU A 79 5.15 14.85 1.71
C GLU A 79 5.69 13.70 2.57
N CYS A 80 5.42 13.76 3.87
CA CYS A 80 5.82 12.67 4.75
C CYS A 80 5.13 11.37 4.34
N MET A 81 3.81 11.44 4.12
CA MET A 81 3.05 10.27 3.66
C MET A 81 3.54 9.74 2.32
N GLN A 82 3.98 10.62 1.42
CA GLN A 82 4.46 10.10 0.16
C GLN A 82 5.76 9.32 0.34
N ASP A 83 6.60 9.74 1.30
CA ASP A 83 7.81 8.98 1.62
C ASP A 83 7.47 7.60 2.18
N PHE A 84 6.47 7.54 3.06
CA PHE A 84 5.99 6.25 3.54
C PHE A 84 5.47 5.41 2.38
N ASN A 85 4.67 6.03 1.49
CA ASN A 85 4.14 5.29 0.35
C ASN A 85 5.26 4.79 -0.55
N THR A 86 6.28 5.63 -0.79
CA THR A 86 7.46 5.19 -1.53
C THR A 86 8.17 4.02 -0.84
N MET A 87 8.35 4.10 0.46
CA MET A 87 9.04 3.04 1.19
C MET A 87 8.35 1.69 0.97
N PHE A 88 7.04 1.63 1.22
CA PHE A 88 6.33 0.37 1.04
C PHE A 88 6.35 -0.08 -0.42
N THR A 89 6.11 0.85 -1.34
CA THR A 89 6.00 0.44 -2.73
C THR A 89 7.32 -0.08 -3.26
N ASN A 90 8.44 0.58 -2.89
CA ASN A 90 9.76 0.07 -3.23
C ASN A 90 9.90 -1.37 -2.79
N CYS A 91 9.46 -1.69 -1.58
CA CYS A 91 9.57 -3.05 -1.09
C CYS A 91 8.87 -4.02 -2.02
N TYR A 92 7.68 -3.66 -2.48
CA TYR A 92 6.88 -4.57 -3.30
C TYR A 92 7.44 -4.66 -4.71
N ILE A 93 7.99 -3.57 -5.21
CA ILE A 93 8.61 -3.55 -6.54
C ILE A 93 9.77 -4.53 -6.60
N TYR A 94 10.61 -4.53 -5.57
CA TYR A 94 11.84 -5.29 -5.64
C TYR A 94 11.67 -6.74 -5.24
N ASN A 95 10.73 -7.04 -4.34
CA ASN A 95 10.65 -8.34 -3.70
C ASN A 95 9.49 -9.15 -4.27
N LYS A 96 9.38 -10.39 -3.81
CA LYS A 96 8.39 -11.31 -4.35
C LYS A 96 7.24 -11.52 -3.37
N PRO A 97 6.06 -11.93 -3.85
CA PRO A 97 4.86 -11.86 -3.00
C PRO A 97 4.89 -12.71 -1.74
N THR A 98 5.68 -13.78 -1.69
CA THR A 98 5.74 -14.58 -0.46
C THR A 98 7.04 -14.39 0.32
N ASP A 99 7.87 -13.42 -0.07
CA ASP A 99 9.05 -13.10 0.72
C ASP A 99 8.65 -12.62 2.11
N ASP A 100 9.45 -13.02 3.12
CA ASP A 100 9.24 -12.52 4.47
C ASP A 100 9.17 -11.00 4.50
N ILE A 101 10.03 -10.32 3.72
CA ILE A 101 10.08 -8.86 3.76
C ILE A 101 8.75 -8.25 3.31
N VAL A 102 8.09 -8.89 2.34
CA VAL A 102 6.80 -8.38 1.85
C VAL A 102 5.71 -8.59 2.90
N LEU A 103 5.72 -9.74 3.58
CA LEU A 103 4.76 -9.96 4.68
C LEU A 103 4.96 -8.96 5.79
N MET A 104 6.22 -8.62 6.08
CA MET A 104 6.50 -7.62 7.10
C MET A 104 6.02 -6.24 6.67
N ALA A 105 6.37 -5.83 5.45
CA ALA A 105 5.85 -4.58 4.89
C ALA A 105 4.34 -4.55 4.97
N GLN A 106 3.68 -5.65 4.58
CA GLN A 106 2.20 -5.64 4.55
C GLN A 106 1.61 -5.46 5.94
N ALA A 107 2.20 -6.09 6.95
CA ALA A 107 1.71 -5.90 8.31
C ALA A 107 1.91 -4.47 8.77
N LEU A 108 3.09 -3.90 8.48
CA LEU A 108 3.37 -2.52 8.85
C LEU A 108 2.43 -1.56 8.12
N GLU A 109 2.20 -1.82 6.84
CA GLU A 109 1.39 -0.91 6.04
C GLU A 109 -0.03 -0.84 6.57
N LYS A 110 -0.59 -1.98 7.00
CA LYS A 110 -1.94 -1.97 7.57
C LYS A 110 -2.02 -1.04 8.78
N ILE A 111 -1.02 -1.12 9.67
CA ILE A 111 -1.02 -0.26 10.85
C ILE A 111 -0.84 1.19 10.43
N PHE A 112 0.04 1.43 9.44
CA PHE A 112 0.22 2.78 8.89
C PHE A 112 -1.11 3.37 8.46
N LEU A 113 -1.87 2.64 7.64
CA LEU A 113 -3.13 3.17 7.12
C LEU A 113 -4.10 3.47 8.25
N GLN A 114 -4.14 2.60 9.29
CA GLN A 114 -5.05 2.83 10.40
C GLN A 114 -4.63 4.05 11.20
N LYS A 115 -3.32 4.23 11.37
CA LYS A 115 -2.83 5.35 12.17
C LYS A 115 -3.02 6.69 11.47
N VAL A 116 -2.73 6.79 10.17
CA VAL A 116 -2.94 8.08 9.51
C VAL A 116 -4.43 8.39 9.36
N ALA A 117 -5.31 7.40 9.50
CA ALA A 117 -6.73 7.69 9.45
C ALA A 117 -7.18 8.51 10.66
N GLN A 118 -6.42 8.47 11.75
CA GLN A 118 -6.69 9.22 12.96
C GLN A 118 -5.88 10.50 13.06
N MET A 119 -5.24 10.91 11.98
CA MET A 119 -4.45 12.13 11.98
C MET A 119 -5.37 13.32 12.21
N PRO A 120 -5.03 14.24 13.11
CA PRO A 120 -5.92 15.38 13.37
C PRO A 120 -5.86 16.37 12.23
N GLN A 121 -6.89 17.20 12.16
CA GLN A 121 -6.90 18.26 11.16
C GLN A 121 -5.97 19.38 11.59
N GLU A 122 -5.39 20.06 10.61
CA GLU A 122 -4.79 21.35 10.90
C GLU A 122 -5.87 22.31 11.35
N GLU A 123 -5.56 23.12 12.36
CA GLU A 123 -6.58 24.02 12.86
C GLU A 123 -6.07 25.45 12.80
N MET B 2 -8.63 7.97 -7.11
CA MET B 2 -7.75 9.14 -7.12
C MET B 2 -6.28 8.91 -7.54
N PRO B 3 -5.65 7.79 -7.15
CA PRO B 3 -4.23 7.62 -7.46
C PRO B 3 -3.99 7.44 -8.95
N GLU B 4 -2.73 7.66 -9.35
CA GLU B 4 -2.36 7.60 -10.77
C GLU B 4 -2.53 6.18 -11.31
N VAL B 5 -2.85 6.08 -12.60
CA VAL B 5 -2.92 4.79 -13.30
C VAL B 5 -1.82 4.63 -14.32
N SER B 6 -0.97 5.65 -14.50
CA SER B 6 0.15 5.63 -15.43
C SER B 6 1.16 6.67 -14.99
N ASN B 7 2.41 6.46 -15.40
CA ASN B 7 3.54 7.28 -14.97
C ASN B 7 4.73 7.00 -15.87
N PRO B 8 5.08 7.92 -16.78
CA PRO B 8 6.14 7.61 -17.75
C PRO B 8 7.50 7.41 -17.14
N SER B 9 7.74 7.87 -15.90
CA SER B 9 9.03 7.65 -15.27
C SER B 9 9.09 6.33 -14.50
N LYS B 10 7.95 5.65 -14.28
CA LYS B 10 7.92 4.39 -13.54
C LYS B 10 7.99 3.21 -14.50
N PRO B 11 9.01 2.37 -14.41
CA PRO B 11 9.04 1.15 -15.24
C PRO B 11 7.90 0.21 -14.87
N GLY B 12 7.22 -0.31 -15.88
CA GLY B 12 6.17 -1.29 -15.67
C GLY B 12 6.29 -2.38 -16.72
N ARG B 13 5.57 -3.47 -16.48
CA ARG B 13 5.66 -4.63 -17.36
C ARG B 13 4.45 -5.53 -17.08
N LYS B 14 4.33 -6.58 -17.87
CA LYS B 14 3.37 -7.65 -17.64
C LYS B 14 4.17 -8.94 -17.53
N THR B 15 4.35 -9.38 -16.32
CA THR B 15 5.00 -10.61 -15.95
C THR B 15 3.95 -11.71 -15.94
N ASN B 16 4.40 -12.97 -15.94
CA ASN B 16 3.46 -14.08 -15.84
C ASN B 16 2.52 -13.90 -14.64
N GLN B 17 3.07 -13.47 -13.50
CA GLN B 17 2.22 -13.29 -12.31
C GLN B 17 1.26 -12.11 -12.46
N LEU B 18 1.70 -11.00 -13.07
CA LEU B 18 0.82 -9.86 -13.29
C LEU B 18 -0.32 -10.19 -14.26
N GLN B 19 -0.01 -10.97 -15.31
CA GLN B 19 -1.06 -11.49 -16.17
C GLN B 19 -2.09 -12.27 -15.36
N TYR B 20 -1.62 -13.13 -14.46
CA TYR B 20 -2.53 -13.87 -13.58
C TYR B 20 -3.35 -12.92 -12.72
N MET B 21 -2.70 -11.91 -12.11
CA MET B 21 -3.45 -10.92 -11.34
C MET B 21 -4.58 -10.31 -12.17
N GLN B 22 -4.33 -10.09 -13.47
CA GLN B 22 -5.37 -9.47 -14.28
C GLN B 22 -6.40 -10.48 -14.75
N ASN B 23 -5.95 -11.55 -15.41
CA ASN B 23 -6.90 -12.43 -16.07
C ASN B 23 -7.65 -13.32 -15.09
N VAL B 24 -7.05 -13.64 -13.95
CA VAL B 24 -7.67 -14.53 -12.96
C VAL B 24 -8.15 -13.75 -11.73
N VAL B 25 -7.25 -13.04 -11.06
CA VAL B 25 -7.63 -12.46 -9.77
C VAL B 25 -8.65 -11.34 -9.97
N VAL B 26 -8.28 -10.29 -10.72
CA VAL B 26 -9.21 -9.17 -10.91
C VAL B 26 -10.47 -9.65 -11.60
N LYS B 27 -10.32 -10.42 -12.68
CA LYS B 27 -11.48 -10.83 -13.45
C LYS B 27 -12.44 -11.67 -12.60
N THR B 28 -11.91 -12.60 -11.80
CA THR B 28 -12.78 -13.42 -10.95
C THR B 28 -13.52 -12.54 -9.94
N LEU B 29 -12.78 -11.65 -9.26
CA LEU B 29 -13.41 -10.74 -8.31
C LEU B 29 -14.45 -9.87 -8.99
N TRP B 30 -14.14 -9.39 -10.20
CA TRP B 30 -15.07 -8.54 -10.93
C TRP B 30 -16.37 -9.27 -11.23
N LYS B 31 -16.28 -10.57 -11.55
CA LYS B 31 -17.46 -11.35 -11.89
C LYS B 31 -18.32 -11.66 -10.66
N HIS B 32 -17.86 -11.27 -9.47
CA HIS B 32 -18.53 -11.68 -8.25
C HIS B 32 -19.76 -10.84 -7.98
N GLN B 33 -20.75 -11.49 -7.36
CA GLN B 33 -21.99 -10.85 -6.91
C GLN B 33 -21.72 -9.55 -6.15
N PHE B 34 -20.75 -9.57 -5.25
CA PHE B 34 -20.53 -8.49 -4.29
C PHE B 34 -19.48 -7.49 -4.77
N ALA B 35 -19.05 -7.60 -6.02
CA ALA B 35 -17.91 -6.83 -6.53
C ALA B 35 -18.24 -5.37 -6.79
N TRP B 36 -19.49 -5.08 -7.09
CA TRP B 36 -19.85 -3.82 -7.73
C TRP B 36 -19.58 -2.57 -6.89
N PRO B 37 -19.60 -2.59 -5.54
CA PRO B 37 -19.24 -1.36 -4.82
C PRO B 37 -17.79 -0.96 -4.96
N PHE B 38 -16.93 -1.86 -5.42
CA PHE B 38 -15.50 -1.61 -5.53
C PHE B 38 -15.04 -1.38 -6.96
N TYR B 39 -15.98 -1.29 -7.90
CA TYR B 39 -15.63 -1.04 -9.31
C TYR B 39 -15.00 0.34 -9.49
N GLN B 40 -15.52 1.36 -8.82
CA GLN B 40 -15.02 2.72 -9.02
C GLN B 40 -14.64 3.31 -7.67
N PRO B 41 -13.93 4.45 -7.65
CA PRO B 41 -13.55 5.05 -6.35
C PRO B 41 -14.78 5.27 -5.50
N VAL B 42 -14.60 5.18 -4.17
CA VAL B 42 -15.74 5.38 -3.27
C VAL B 42 -16.38 6.72 -3.62
N ASP B 43 -17.63 6.66 -4.07
CA ASP B 43 -18.40 7.85 -4.45
C ASP B 43 -18.87 8.51 -3.16
N ALA B 44 -18.01 9.39 -2.62
CA ALA B 44 -18.33 10.06 -1.36
C ALA B 44 -19.62 10.84 -1.44
N ILE B 45 -19.86 11.50 -2.57
CA ILE B 45 -21.04 12.35 -2.66
C ILE B 45 -22.30 11.50 -2.74
N LYS B 46 -22.42 10.72 -3.81
CA LYS B 46 -23.54 9.80 -4.04
C LYS B 46 -23.96 9.07 -2.77
N LEU B 47 -23.00 8.69 -1.93
CA LEU B 47 -23.29 7.98 -0.70
C LEU B 47 -23.37 8.88 0.53
N ASN B 48 -23.08 10.18 0.39
CA ASN B 48 -23.17 11.16 1.48
CA ASN B 48 -23.17 11.16 1.48
C ASN B 48 -22.24 10.78 2.64
N LEU B 49 -20.95 10.66 2.32
CA LEU B 49 -19.90 10.37 3.30
C LEU B 49 -18.90 11.52 3.24
N PRO B 50 -19.26 12.68 3.79
CA PRO B 50 -18.43 13.88 3.58
C PRO B 50 -17.03 13.77 4.16
N ASP B 51 -16.76 12.84 5.08
CA ASP B 51 -15.44 12.71 5.65
C ASP B 51 -14.66 11.53 5.09
N TYR B 52 -15.17 10.83 4.08
CA TYR B 52 -14.47 9.64 3.57
C TYR B 52 -13.07 9.99 3.08
N HIS B 53 -12.99 10.93 2.13
CA HIS B 53 -11.69 11.36 1.63
C HIS B 53 -10.94 12.22 2.60
N LYS B 54 -11.41 12.42 3.83
CA LYS B 54 -10.59 13.03 4.87
C LYS B 54 -10.00 12.01 5.83
N ILE B 55 -10.67 10.87 5.98
CA ILE B 55 -10.21 9.80 6.85
C ILE B 55 -9.31 8.83 6.09
N ILE B 56 -9.62 8.60 4.82
CA ILE B 56 -8.93 7.60 3.99
C ILE B 56 -7.91 8.36 3.15
N LYS B 57 -6.62 8.25 3.52
CA LYS B 57 -5.58 9.04 2.85
C LYS B 57 -5.11 8.41 1.55
N ASN B 58 -5.20 7.08 1.40
CA ASN B 58 -4.80 6.39 0.19
C ASN B 58 -6.04 5.65 -0.32
N PRO B 59 -6.95 6.33 -1.03
CA PRO B 59 -8.11 5.61 -1.56
C PRO B 59 -7.67 4.60 -2.61
N MET B 60 -8.49 3.57 -2.79
CA MET B 60 -8.21 2.56 -3.79
C MET B 60 -9.50 1.83 -4.15
N ASP B 61 -9.62 1.42 -5.41
CA ASP B 61 -10.75 0.64 -5.91
C ASP B 61 -10.26 -0.30 -7.01
N MET B 62 -11.10 -1.29 -7.31
CA MET B 62 -10.73 -2.31 -8.31
C MET B 62 -10.59 -1.72 -9.71
N GLY B 63 -11.33 -0.66 -10.01
CA GLY B 63 -11.21 -0.05 -11.33
C GLY B 63 -9.88 0.66 -11.53
N THR B 64 -9.31 1.19 -10.45
CA THR B 64 -7.95 1.73 -10.53
C THR B 64 -6.95 0.59 -10.73
N ILE B 65 -7.13 -0.51 -9.99
CA ILE B 65 -6.27 -1.69 -10.14
C ILE B 65 -6.37 -2.25 -11.55
N LYS B 66 -7.60 -2.36 -12.08
CA LYS B 66 -7.77 -2.86 -13.45
C LYS B 66 -7.04 -2.00 -14.46
N LYS B 67 -7.18 -0.67 -14.38
CA LYS B 67 -6.48 0.20 -15.33
C LYS B 67 -4.97 0.14 -15.13
N ARG B 68 -4.50 0.01 -13.89
CA ARG B 68 -3.07 -0.12 -13.67
C ARG B 68 -2.53 -1.37 -14.38
N LEU B 69 -3.28 -2.48 -14.32
CA LEU B 69 -2.86 -3.68 -15.02
C LEU B 69 -2.93 -3.49 -16.53
N GLU B 70 -3.96 -2.78 -17.01
CA GLU B 70 -4.10 -2.58 -18.46
C GLU B 70 -3.00 -1.69 -19.00
N ASN B 71 -2.48 -0.79 -18.18
CA ASN B 71 -1.43 0.12 -18.61
C ASN B 71 -0.03 -0.43 -18.34
N ASN B 72 0.07 -1.66 -17.81
CA ASN B 72 1.35 -2.20 -17.36
C ASN B 72 2.05 -1.20 -16.46
N TYR B 73 1.28 -0.66 -15.49
CA TYR B 73 1.81 0.29 -14.51
C TYR B 73 2.70 -0.41 -13.49
N TYR B 74 2.40 -1.66 -13.16
CA TYR B 74 3.11 -2.35 -12.10
C TYR B 74 4.38 -2.97 -12.63
N TRP B 75 5.41 -3.00 -11.79
CA TRP B 75 6.55 -3.85 -12.08
C TRP B 75 6.39 -5.26 -11.54
N SER B 76 5.69 -5.44 -10.42
CA SER B 76 5.61 -6.76 -9.80
C SER B 76 4.22 -6.97 -9.19
N ALA B 77 3.87 -8.25 -9.05
CA ALA B 77 2.56 -8.63 -8.53
C ALA B 77 2.37 -8.21 -7.08
N SER B 78 3.45 -8.06 -6.31
CA SER B 78 3.29 -7.58 -4.93
C SER B 78 2.71 -6.17 -4.90
N GLU B 79 3.02 -5.34 -5.90
CA GLU B 79 2.39 -4.02 -5.97
C GLU B 79 0.89 -4.13 -6.11
N CYS B 80 0.44 -5.05 -6.96
CA CYS B 80 -0.98 -5.24 -7.17
C CYS B 80 -1.65 -5.71 -5.89
N MET B 81 -1.04 -6.70 -5.23
CA MET B 81 -1.51 -7.13 -3.92
C MET B 81 -1.57 -5.96 -2.95
N GLN B 82 -0.58 -5.07 -2.98
CA GLN B 82 -0.63 -3.90 -2.10
C GLN B 82 -1.90 -3.11 -2.33
N ASP B 83 -2.24 -2.85 -3.60
CA ASP B 83 -3.44 -2.06 -3.91
C ASP B 83 -4.72 -2.76 -3.42
N PHE B 84 -4.81 -4.09 -3.59
CA PHE B 84 -5.96 -4.82 -3.06
C PHE B 84 -6.02 -4.74 -1.53
N ASN B 85 -4.87 -4.87 -0.85
CA ASN B 85 -4.86 -4.75 0.59
C ASN B 85 -5.30 -3.36 1.02
N THR B 86 -4.83 -2.33 0.31
CA THR B 86 -5.22 -0.97 0.65
C THR B 86 -6.74 -0.81 0.54
N MET B 87 -7.32 -1.31 -0.56
CA MET B 87 -8.75 -1.22 -0.76
C MET B 87 -9.50 -1.88 0.40
N PHE B 88 -9.12 -3.11 0.75
CA PHE B 88 -9.80 -3.81 1.83
C PHE B 88 -9.60 -3.11 3.17
N THR B 89 -8.37 -2.67 3.45
CA THR B 89 -8.09 -2.03 4.74
C THR B 89 -8.86 -0.72 4.90
N ASN B 90 -8.95 0.09 3.84
CA ASN B 90 -9.75 1.31 3.89
C ASN B 90 -11.20 1.00 4.24
N CYS B 91 -11.77 -0.02 3.59
CA CYS B 91 -13.15 -0.39 3.88
C CYS B 91 -13.32 -0.72 5.37
N TYR B 92 -12.41 -1.52 5.93
CA TYR B 92 -12.50 -1.93 7.33
C TYR B 92 -12.25 -0.75 8.28
N ILE B 93 -11.34 0.16 7.91
CA ILE B 93 -11.10 1.35 8.72
C ILE B 93 -12.36 2.22 8.77
N TYR B 94 -12.97 2.46 7.62
CA TYR B 94 -13.99 3.49 7.53
C TYR B 94 -15.34 3.02 8.07
N ASN B 95 -15.77 1.81 7.72
CA ASN B 95 -17.10 1.34 8.05
C ASN B 95 -17.10 0.50 9.33
N LYS B 96 -18.25 0.49 10.00
CA LYS B 96 -18.48 -0.36 11.16
C LYS B 96 -18.37 -1.83 10.76
N PRO B 97 -17.91 -2.71 11.66
CA PRO B 97 -17.68 -4.11 11.28
C PRO B 97 -18.95 -4.89 10.93
N THR B 98 -20.12 -4.35 11.28
CA THR B 98 -21.39 -5.02 10.98
C THR B 98 -21.99 -4.60 9.66
N ASP B 99 -21.52 -3.50 9.08
CA ASP B 99 -22.11 -2.97 7.85
C ASP B 99 -21.97 -3.97 6.71
N ASP B 100 -22.96 -3.98 5.81
CA ASP B 100 -22.98 -4.94 4.73
C ASP B 100 -21.77 -4.79 3.81
N ILE B 101 -21.29 -3.56 3.61
CA ILE B 101 -20.10 -3.37 2.76
C ILE B 101 -18.91 -4.13 3.33
N VAL B 102 -18.81 -4.22 4.66
CA VAL B 102 -17.68 -4.91 5.27
C VAL B 102 -17.79 -6.41 5.04
N LEU B 103 -18.97 -6.99 5.17
CA LEU B 103 -19.07 -8.42 4.91
C LEU B 103 -18.86 -8.73 3.43
N MET B 104 -19.27 -7.82 2.54
CA MET B 104 -18.97 -7.98 1.12
C MET B 104 -17.46 -8.01 0.88
N ALA B 105 -16.74 -7.07 1.49
CA ALA B 105 -15.30 -7.01 1.31
C ALA B 105 -14.63 -8.28 1.80
N GLN B 106 -15.06 -8.80 2.94
CA GLN B 106 -14.47 -10.03 3.48
C GLN B 106 -14.67 -11.20 2.52
N ALA B 107 -15.88 -11.33 1.96
CA ALA B 107 -16.13 -12.31 0.91
C ALA B 107 -15.13 -12.19 -0.23
N LEU B 108 -15.02 -10.97 -0.80
CA LEU B 108 -14.07 -10.77 -1.89
C LEU B 108 -12.65 -11.09 -1.45
N GLU B 109 -12.31 -10.76 -0.21
CA GLU B 109 -10.93 -10.90 0.25
C GLU B 109 -10.52 -12.35 0.39
N LYS B 110 -11.45 -13.22 0.76
CA LYS B 110 -11.13 -14.64 0.81
C LYS B 110 -10.82 -15.19 -0.58
N ILE B 111 -11.69 -14.90 -1.55
CA ILE B 111 -11.42 -15.27 -2.94
C ILE B 111 -10.08 -14.69 -3.39
N PHE B 112 -9.86 -13.41 -3.07
CA PHE B 112 -8.60 -12.76 -3.41
C PHE B 112 -7.41 -13.50 -2.79
N LEU B 113 -7.52 -13.86 -1.50
CA LEU B 113 -6.39 -14.50 -0.85
C LEU B 113 -6.15 -15.89 -1.43
N GLN B 114 -7.22 -16.59 -1.80
CA GLN B 114 -7.07 -17.94 -2.33
C GLN B 114 -6.47 -17.92 -3.74
N LYS B 115 -7.00 -17.05 -4.62
CA LYS B 115 -6.47 -16.96 -5.96
C LYS B 115 -5.01 -16.52 -5.95
N VAL B 116 -4.66 -15.56 -5.09
CA VAL B 116 -3.28 -15.11 -5.00
C VAL B 116 -2.38 -16.24 -4.51
N ALA B 117 -2.90 -17.12 -3.67
CA ALA B 117 -2.11 -18.26 -3.22
C ALA B 117 -1.78 -19.23 -4.36
N GLN B 118 -2.61 -19.26 -5.41
CA GLN B 118 -2.43 -20.19 -6.53
C GLN B 118 -1.64 -19.57 -7.69
N MET B 119 -0.96 -18.45 -7.46
CA MET B 119 -0.30 -17.72 -8.53
C MET B 119 0.98 -18.44 -8.96
N PRO B 120 1.33 -18.38 -10.25
CA PRO B 120 2.54 -19.11 -10.71
C PRO B 120 3.81 -18.58 -10.06
N GLN B 121 4.78 -19.47 -9.89
CA GLN B 121 6.08 -19.10 -9.34
C GLN B 121 7.04 -18.64 -10.44
N ALA C 1 13.47 -10.90 -2.26
CA ALA C 1 14.87 -11.00 -1.88
C ALA C 1 14.95 -10.95 -0.37
OH ALY C 2 13.19 -4.25 0.48
CH ALY C 2 13.69 -4.03 1.56
CH3 ALY C 2 13.17 -2.97 2.47
NZ ALY C 2 14.75 -4.71 2.00
CE ALY C 2 15.31 -5.84 1.32
CD ALY C 2 15.48 -7.02 2.25
CG ALY C 2 15.85 -8.24 1.47
CB ALY C 2 15.89 -9.50 2.30
CA ALY C 2 16.52 -10.72 1.62
N ALY C 2 16.17 -10.90 0.18
C ALY C 2 16.44 -11.98 2.48
O ALY C 2 16.82 -11.91 3.62
N GLY C 3 15.91 -13.07 1.96
CA GLY C 3 15.93 -14.32 2.73
C GLY C 3 14.87 -14.44 3.81
N LEU C 4 15.18 -15.19 4.84
CA LEU C 4 14.25 -15.51 5.92
C LEU C 4 14.46 -14.50 7.04
N LEU C 5 13.53 -13.56 7.17
CA LEU C 5 13.61 -12.58 8.23
C LEU C 5 12.68 -12.89 9.38
N LEU C 6 11.78 -13.87 9.20
CA LEU C 6 10.85 -14.31 10.24
C LEU C 6 9.94 -13.18 10.68
C1 EDO D . -16.69 1.34 0.42
O1 EDO D . -16.20 1.65 1.73
C2 EDO D . -18.06 1.98 0.26
O2 EDO D . -18.17 3.13 1.12
#